data_5HYR
#
_entry.id   5HYR
#
_cell.length_a   55.856
_cell.length_b   84.832
_cell.length_c   58.148
_cell.angle_alpha   90.00
_cell.angle_beta   108.85
_cell.angle_gamma   90.00
#
_symmetry.space_group_name_H-M   'P 1 21 1'
#
loop_
_entity.id
_entity.type
_entity.pdbx_description
1 polymer 'Estrogen receptor'
2 polymer 'Stapled Peptide SRC2-SP2'
3 non-polymer ESTRADIOL
4 non-polymer GLYCEROL
5 water water
#
loop_
_entity_poly.entity_id
_entity_poly.type
_entity_poly.pdbx_seq_one_letter_code
_entity_poly.pdbx_strand_id
1 'polypeptide(L)'
;KKNSLALSLTADQMVSALLDAEPPILYSEYDPTRPFSEASMMGLLTNLADRELVHMINWAKRVPGFVDLTLHDQVHLLEC
AWLEILMIGLVWRSMEHPGKLLFAPNLLLDRNQGKCVEGMVEIFDMLLATSSRFRMMNLQGEEFVCLKSIILLNSGVYTF
LSSTLKSLEEKDHIHRVLDKITDTLIHLMAKAGLTLQQQHQRLAQLLLILSHIRHMSNKGMEHLYSMKCKNVVPLSDLLL
EMLDAHRLHAPTSRGGAS
;
A,B
2 'polypeptide(L)' (ACE)HK(66D)LHR(MK8)LQDS(NH2) F,G
#
loop_
_chem_comp.id
_chem_comp.type
_chem_comp.name
_chem_comp.formula
ACE non-polymer 'ACETYL GROUP' 'C2 H4 O'
EST non-polymer ESTRADIOL 'C18 H24 O2'
GOL non-polymer GLYCEROL 'C3 H8 O3'
NH2 non-polymer 'AMINO GROUP' 'H2 N'
#
# COMPACT_ATOMS: atom_id res chain seq x y z
N ALA A 6 22.26 -16.48 -0.81
CA ALA A 6 21.65 -15.76 -1.92
C ALA A 6 20.26 -16.34 -2.23
N LEU A 7 20.17 -17.05 -3.35
CA LEU A 7 18.94 -17.75 -3.70
C LEU A 7 19.03 -19.20 -3.34
N SER A 8 20.13 -19.55 -2.68
CA SER A 8 20.43 -20.93 -2.38
C SER A 8 20.12 -21.24 -0.93
N LEU A 9 19.54 -20.27 -0.24
CA LEU A 9 19.12 -20.47 1.13
C LEU A 9 17.90 -21.38 1.20
N THR A 10 17.92 -22.31 2.15
CA THR A 10 16.70 -23.04 2.48
C THR A 10 15.76 -22.02 3.04
N ALA A 11 14.49 -22.40 3.11
CA ALA A 11 13.52 -21.62 3.87
C ALA A 11 14.06 -21.31 5.27
N ASP A 12 14.60 -22.31 5.97
CA ASP A 12 15.06 -22.11 7.35
C ASP A 12 16.31 -21.22 7.42
N GLN A 13 17.20 -21.34 6.43
CA GLN A 13 18.40 -20.52 6.39
C GLN A 13 18.00 -19.06 6.19
N MET A 14 16.98 -18.89 5.35
CA MET A 14 16.41 -17.60 5.05
C MET A 14 15.80 -16.97 6.31
N VAL A 15 15.12 -17.79 7.12
CA VAL A 15 14.53 -17.32 8.38
C VAL A 15 15.57 -16.93 9.44
N SER A 16 16.54 -17.81 9.67
CA SER A 16 17.63 -17.57 10.61
C SER A 16 18.40 -16.29 10.29
N ALA A 17 18.80 -16.16 9.03
CA ALA A 17 19.53 -14.98 8.58
C ALA A 17 18.71 -13.74 8.89
N LEU A 18 17.41 -13.82 8.68
CA LEU A 18 16.52 -12.69 8.94
C LEU A 18 16.32 -12.40 10.42
N LEU A 19 16.23 -13.45 11.25
CA LEU A 19 16.11 -13.25 12.69
C LEU A 19 17.40 -12.66 13.24
N ASP A 20 18.52 -13.15 12.72
CA ASP A 20 19.85 -12.71 13.13
C ASP A 20 20.07 -11.24 12.85
N ALA A 21 19.53 -10.78 11.73
CA ALA A 21 19.79 -9.44 11.26
C ALA A 21 18.98 -8.36 11.96
N GLU A 22 18.05 -8.76 12.84
CA GLU A 22 17.15 -7.83 13.53
C GLU A 22 17.87 -6.70 14.26
N PRO A 23 17.39 -5.46 14.07
CA PRO A 23 17.94 -4.34 14.84
C PRO A 23 17.47 -4.40 16.28
N PRO A 24 18.18 -3.71 17.18
CA PRO A 24 17.85 -3.56 18.61
C PRO A 24 16.54 -2.82 18.80
N ILE A 25 15.88 -2.98 19.94
CA ILE A 25 14.82 -2.03 20.27
C ILE A 25 15.53 -0.87 20.99
N LEU A 26 15.48 0.32 20.42
CA LEU A 26 16.18 1.48 20.97
C LEU A 26 15.31 2.31 21.94
N TYR A 27 15.95 3.19 22.70
CA TYR A 27 15.24 4.03 23.67
C TYR A 27 15.05 5.45 23.12
N SER A 28 14.02 6.15 23.60
CA SER A 28 13.88 7.56 23.23
C SER A 28 14.59 8.38 24.29
N GLU A 29 14.84 9.68 24.08
CA GLU A 29 15.32 10.42 25.24
C GLU A 29 14.13 11.15 25.84
N TYR A 30 13.11 10.41 26.22
CA TYR A 30 11.95 11.02 26.81
C TYR A 30 12.39 11.65 28.12
N ASP A 31 12.05 12.92 28.30
CA ASP A 31 12.33 13.66 29.53
C ASP A 31 11.04 13.85 30.31
N PRO A 32 10.91 13.15 31.43
CA PRO A 32 9.65 13.12 32.19
C PRO A 32 9.48 14.30 33.14
N THR A 33 10.49 15.16 33.25
CA THR A 33 10.41 16.31 34.14
C THR A 33 9.43 17.36 33.63
N ARG A 34 9.13 17.33 32.34
CA ARG A 34 8.32 18.37 31.72
C ARG A 34 7.12 17.80 30.96
N PRO A 35 6.09 18.62 30.71
CA PRO A 35 5.00 18.10 29.88
C PRO A 35 5.38 18.11 28.41
N PHE A 36 4.61 17.38 27.60
CA PHE A 36 4.77 17.40 26.17
C PHE A 36 4.24 18.70 25.59
N SER A 37 4.90 19.17 24.55
CA SER A 37 4.33 20.13 23.63
C SER A 37 4.36 19.46 22.27
N GLU A 38 3.79 20.12 21.26
CA GLU A 38 3.80 19.58 19.91
C GLU A 38 5.24 19.42 19.44
N ALA A 39 6.07 20.37 19.82
CA ALA A 39 7.45 20.41 19.35
C ALA A 39 8.34 19.38 20.03
N SER A 40 8.16 19.17 21.34
CA SER A 40 9.03 18.23 22.05
C SER A 40 8.65 16.79 21.70
N MET A 41 7.38 16.52 21.43
CA MET A 41 6.99 15.18 21.02
C MET A 41 7.52 14.85 19.64
N MET A 42 7.43 15.81 18.73
CA MET A 42 7.99 15.63 17.40
C MET A 42 9.52 15.50 17.48
N GLY A 43 10.14 16.29 18.35
CA GLY A 43 11.56 16.16 18.64
C GLY A 43 11.91 14.74 19.04
N LEU A 44 11.16 14.19 20.00
CA LEU A 44 11.41 12.83 20.48
C LEU A 44 11.28 11.76 19.40
N LEU A 45 10.19 11.83 18.64
CA LEU A 45 9.85 10.81 17.66
C LEU A 45 10.88 10.75 16.54
N THR A 46 11.29 11.93 16.07
CA THR A 46 12.22 12.04 14.95
C THR A 46 13.67 11.79 15.40
N ASN A 47 13.97 12.12 16.65
CA ASN A 47 15.27 11.76 17.22
C ASN A 47 15.37 10.24 17.25
N LEU A 48 14.31 9.58 17.70
CA LEU A 48 14.28 8.12 17.73
C LEU A 48 14.41 7.53 16.32
N ALA A 49 13.58 8.02 15.40
CA ALA A 49 13.59 7.53 14.02
C ALA A 49 14.95 7.65 13.37
N ASP A 50 15.64 8.74 13.69
CA ASP A 50 16.95 9.03 13.15
C ASP A 50 17.95 7.97 13.60
N ARG A 51 17.89 7.58 14.87
CA ARG A 51 18.80 6.57 15.37
C ARG A 51 18.43 5.17 14.84
N GLU A 52 17.13 4.86 14.76
CA GLU A 52 16.66 3.60 14.16
C GLU A 52 17.14 3.51 12.69
N LEU A 53 17.19 4.65 12.00
CA LEU A 53 17.57 4.69 10.59
C LEU A 53 19.00 4.22 10.37
N VAL A 54 19.87 4.54 11.32
CA VAL A 54 21.26 4.12 11.26
C VAL A 54 21.36 2.58 11.36
N HIS A 55 20.52 1.99 12.20
CA HIS A 55 20.46 0.53 12.31
C HIS A 55 19.76 -0.12 11.12
N MET A 56 18.84 0.60 10.51
CA MET A 56 18.12 0.05 9.37
C MET A 56 19.05 -0.08 8.17
N ILE A 57 19.90 0.93 7.96
CA ILE A 57 20.87 0.89 6.89
C ILE A 57 21.73 -0.37 6.97
N ASN A 58 22.18 -0.70 8.18
CA ASN A 58 22.99 -1.87 8.38
C ASN A 58 22.17 -3.15 8.35
N TRP A 59 20.95 -3.10 8.88
CA TRP A 59 20.07 -4.26 8.79
C TRP A 59 19.79 -4.65 7.35
N ALA A 60 19.55 -3.65 6.51
CA ALA A 60 19.18 -3.90 5.11
C ALA A 60 20.32 -4.61 4.36
N LYS A 61 21.55 -4.23 4.67
CA LYS A 61 22.72 -4.85 4.06
C LYS A 61 22.80 -6.33 4.42
N ARG A 62 22.08 -6.70 5.48
CA ARG A 62 22.03 -8.08 5.90
C ARG A 62 20.85 -8.84 5.35
N VAL A 63 19.97 -8.16 4.62
CA VAL A 63 18.86 -8.84 3.96
C VAL A 63 19.36 -9.49 2.68
N PRO A 64 19.25 -10.83 2.59
CA PRO A 64 19.81 -11.58 1.45
C PRO A 64 19.48 -10.95 0.10
N GLY A 65 20.52 -10.72 -0.69
CA GLY A 65 20.35 -10.13 -2.00
C GLY A 65 20.54 -8.62 -2.03
N PHE A 66 20.27 -7.95 -0.91
CA PHE A 66 20.28 -6.49 -0.90
C PHE A 66 21.63 -5.89 -1.29
N VAL A 67 22.72 -6.41 -0.73
CA VAL A 67 24.04 -5.84 -1.04
C VAL A 67 24.55 -6.21 -2.45
N ASP A 68 23.85 -7.10 -3.15
CA ASP A 68 24.23 -7.46 -4.51
C ASP A 68 23.75 -6.41 -5.52
N LEU A 69 22.89 -5.50 -5.06
CA LEU A 69 22.40 -4.43 -5.91
C LEU A 69 23.42 -3.32 -6.04
N THR A 70 23.32 -2.53 -7.10
CA THR A 70 24.10 -1.32 -7.19
C THR A 70 23.81 -0.47 -5.98
N LEU A 71 24.72 0.44 -5.66
CA LEU A 71 24.50 1.33 -4.54
C LEU A 71 23.31 2.23 -4.79
N HIS A 72 23.07 2.59 -6.05
CA HIS A 72 21.93 3.45 -6.38
C HIS A 72 20.58 2.76 -6.14
N ASP A 73 20.48 1.47 -6.39
CA ASP A 73 19.24 0.78 -6.11
C ASP A 73 19.02 0.58 -4.61
N GLN A 74 20.10 0.33 -3.86
CA GLN A 74 20.03 0.24 -2.40
C GLN A 74 19.50 1.55 -1.82
N VAL A 75 20.09 2.66 -2.24
CA VAL A 75 19.63 4.00 -1.87
C VAL A 75 18.14 4.15 -2.18
N HIS A 76 17.75 3.82 -3.40
CA HIS A 76 16.37 4.00 -3.84
C HIS A 76 15.35 3.19 -3.02
N LEU A 77 15.63 1.90 -2.78
CA LEU A 77 14.69 1.05 -2.03
C LEU A 77 14.51 1.51 -0.59
N LEU A 78 15.61 1.91 0.02
CA LEU A 78 15.61 2.38 1.42
C LEU A 78 14.92 3.74 1.54
N GLU A 79 15.22 4.65 0.62
CA GLU A 79 14.54 5.94 0.59
C GLU A 79 13.04 5.73 0.43
N CYS A 80 12.65 4.79 -0.42
N CYS A 80 12.66 4.79 -0.41
CA CYS A 80 11.24 4.51 -0.69
CA CYS A 80 11.24 4.53 -0.67
C CYS A 80 10.51 3.86 0.49
C CYS A 80 10.53 3.93 0.55
N ALA A 81 11.19 2.98 1.21
CA ALA A 81 10.53 2.15 2.24
C ALA A 81 10.76 2.54 3.71
N TRP A 82 11.61 3.52 4.00
CA TRP A 82 12.10 3.70 5.38
C TRP A 82 11.02 3.93 6.42
N LEU A 83 9.95 4.65 6.07
CA LEU A 83 8.93 4.95 7.08
C LEU A 83 7.99 3.76 7.23
N GLU A 84 7.81 3.00 6.15
CA GLU A 84 7.05 1.76 6.22
C GLU A 84 7.69 0.77 7.19
N ILE A 85 9.00 0.63 7.06
CA ILE A 85 9.78 -0.28 7.91
C ILE A 85 9.74 0.16 9.38
N LEU A 86 9.90 1.46 9.65
CA LEU A 86 9.79 1.97 11.02
C LEU A 86 8.41 1.66 11.56
N MET A 87 7.42 1.92 10.70
CA MET A 87 6.03 1.76 11.09
C MET A 87 5.67 0.31 11.37
N ILE A 88 6.16 -0.63 10.56
CA ILE A 88 5.80 -2.03 10.81
C ILE A 88 6.53 -2.55 12.04
N GLY A 89 7.71 -1.99 12.32
CA GLY A 89 8.43 -2.29 13.53
C GLY A 89 7.64 -1.86 14.75
N LEU A 90 7.18 -0.61 14.71
CA LEU A 90 6.39 -0.03 15.79
C LEU A 90 5.15 -0.84 16.09
N VAL A 91 4.44 -1.20 15.03
CA VAL A 91 3.23 -1.99 15.15
C VAL A 91 3.56 -3.37 15.77
N TRP A 92 4.64 -4.00 15.31
CA TRP A 92 5.06 -5.26 15.92
C TRP A 92 5.44 -5.10 17.41
N ARG A 93 6.14 -4.02 17.76
CA ARG A 93 6.52 -3.75 19.16
C ARG A 93 5.28 -3.50 20.00
N SER A 94 4.22 -3.08 19.34
CA SER A 94 3.01 -2.65 20.03
C SER A 94 2.00 -3.76 20.17
N MET A 95 2.27 -4.90 19.53
CA MET A 95 1.33 -6.03 19.52
C MET A 95 0.79 -6.34 20.91
N GLU A 96 1.69 -6.41 21.88
CA GLU A 96 1.33 -6.76 23.26
C GLU A 96 0.72 -5.62 24.07
N HIS A 97 0.51 -4.46 23.48
CA HIS A 97 0.02 -3.33 24.27
C HIS A 97 -1.23 -2.66 23.69
N PRO A 98 -2.40 -3.31 23.85
CA PRO A 98 -3.68 -2.78 23.35
C PRO A 98 -3.89 -1.33 23.74
N GLY A 99 -4.17 -0.49 22.75
CA GLY A 99 -4.46 0.92 22.97
C GLY A 99 -3.22 1.79 23.06
N LYS A 100 -2.06 1.17 22.85
CA LYS A 100 -0.79 1.85 23.01
C LYS A 100 0.24 1.57 21.94
N LEU A 101 1.11 2.54 21.69
CA LEU A 101 2.19 2.37 20.74
C LEU A 101 3.54 2.46 21.47
N LEU A 102 4.25 1.35 21.50
CA LEU A 102 5.54 1.27 22.13
C LEU A 102 6.64 1.74 21.16
N PHE A 103 6.81 3.05 21.05
CA PHE A 103 7.86 3.60 20.19
C PHE A 103 9.21 3.15 20.72
N ALA A 104 9.34 3.25 22.04
CA ALA A 104 10.50 2.82 22.79
C ALA A 104 9.97 2.24 24.09
N PRO A 105 10.81 1.47 24.81
CA PRO A 105 10.37 0.90 26.09
C PRO A 105 10.06 1.97 27.14
N ASN A 106 10.60 3.17 26.95
CA ASN A 106 10.33 4.32 27.81
C ASN A 106 9.49 5.37 27.09
N LEU A 107 8.85 4.96 26.00
CA LEU A 107 7.98 5.85 25.24
C LEU A 107 6.81 5.06 24.67
N LEU A 108 5.81 4.90 25.53
CA LEU A 108 4.59 4.17 25.27
C LEU A 108 3.44 5.18 25.23
N LEU A 109 2.88 5.42 24.06
CA LEU A 109 1.90 6.49 23.85
C LEU A 109 0.51 5.98 23.44
N ASP A 110 -0.55 6.50 24.04
CA ASP A 110 -1.92 6.23 23.58
C ASP A 110 -2.44 7.35 22.66
N ARG A 111 -3.63 7.16 22.08
CA ARG A 111 -4.14 8.11 21.09
C ARG A 111 -4.26 9.53 21.67
N ASN A 112 -4.55 9.66 22.96
CA ASN A 112 -4.73 10.98 23.56
C ASN A 112 -3.42 11.75 23.65
N GLN A 113 -2.30 11.02 23.65
CA GLN A 113 -1.01 11.66 23.61
C GLN A 113 -0.68 12.04 22.18
N GLY A 114 -1.21 11.28 21.22
CA GLY A 114 -1.11 11.65 19.82
C GLY A 114 -1.69 13.02 19.52
N LYS A 115 -2.74 13.39 20.27
CA LYS A 115 -3.43 14.68 20.06
C LYS A 115 -2.58 15.90 20.36
N CYS A 116 -1.40 15.68 20.95
N CYS A 116 -1.40 15.68 20.93
CA CYS A 116 -0.47 16.76 21.27
CA CYS A 116 -0.47 16.75 21.25
C CYS A 116 0.17 17.34 20.01
C CYS A 116 0.13 17.35 19.99
N VAL A 117 0.31 16.50 18.99
CA VAL A 117 0.84 16.91 17.70
C VAL A 117 -0.33 17.00 16.75
N GLU A 118 -0.49 18.15 16.13
CA GLU A 118 -1.59 18.35 15.20
C GLU A 118 -1.48 17.39 14.00
N GLY A 119 -2.59 16.72 13.67
CA GLY A 119 -2.63 15.77 12.56
C GLY A 119 -2.20 14.37 12.92
N MET A 120 -1.60 14.24 14.10
CA MET A 120 -0.99 13.00 14.56
C MET A 120 -1.98 11.92 15.03
N VAL A 121 -3.09 12.31 15.64
CA VAL A 121 -3.97 11.32 16.26
C VAL A 121 -4.60 10.38 15.24
N GLU A 122 -4.92 10.88 14.05
CA GLU A 122 -5.50 10.00 13.03
C GLU A 122 -4.44 9.01 12.53
N ILE A 123 -3.17 9.40 12.54
CA ILE A 123 -2.12 8.44 12.17
C ILE A 123 -1.88 7.41 13.29
N PHE A 124 -1.85 7.86 14.55
CA PHE A 124 -1.86 6.94 15.70
C PHE A 124 -2.96 5.87 15.55
N ASP A 125 -4.16 6.34 15.24
CA ASP A 125 -5.31 5.45 15.08
C ASP A 125 -5.15 4.35 14.04
N MET A 126 -4.59 4.69 12.89
CA MET A 126 -4.32 3.69 11.86
C MET A 126 -3.29 2.69 12.36
N LEU A 127 -2.25 3.20 13.00
CA LEU A 127 -1.20 2.33 13.56
C LEU A 127 -1.77 1.45 14.68
N LEU A 128 -2.59 2.02 15.56
CA LEU A 128 -3.21 1.20 16.60
C LEU A 128 -4.10 0.10 16.00
N ALA A 129 -4.85 0.43 14.95
CA ALA A 129 -5.71 -0.56 14.31
C ALA A 129 -4.89 -1.66 13.64
N THR A 130 -3.78 -1.28 13.04
CA THR A 130 -2.90 -2.26 12.41
C THR A 130 -2.32 -3.20 13.49
N SER A 131 -2.01 -2.66 14.67
CA SER A 131 -1.52 -3.51 15.74
C SER A 131 -2.60 -4.52 16.18
N SER A 132 -3.85 -4.08 16.34
CA SER A 132 -4.96 -5.01 16.60
C SER A 132 -5.08 -6.12 15.55
N ARG A 133 -4.88 -5.77 14.29
CA ARG A 133 -4.94 -6.75 13.20
C ARG A 133 -3.84 -7.79 13.38
N PHE A 134 -2.65 -7.33 13.76
CA PHE A 134 -1.54 -8.24 14.06
C PHE A 134 -1.91 -9.16 15.22
N ARG A 135 -2.61 -8.58 16.21
CA ARG A 135 -3.03 -9.30 17.40
C ARG A 135 -4.09 -10.34 17.11
N MET A 136 -5.11 -9.95 16.35
CA MET A 136 -6.18 -10.89 16.07
C MET A 136 -5.68 -12.02 15.18
N MET A 137 -4.67 -11.74 14.35
CA MET A 137 -4.06 -12.76 13.47
C MET A 137 -3.03 -13.64 14.17
N ASN A 138 -2.57 -13.20 15.33
CA ASN A 138 -1.46 -13.84 16.04
C ASN A 138 -0.19 -13.90 15.17
N LEU A 139 0.18 -12.77 14.57
CA LEU A 139 1.37 -12.67 13.74
C LEU A 139 2.58 -13.15 14.53
N GLN A 140 3.40 -13.98 13.90
CA GLN A 140 4.60 -14.52 14.52
C GLN A 140 5.83 -13.75 14.08
N GLY A 141 6.88 -13.79 14.91
CA GLY A 141 8.11 -13.06 14.67
C GLY A 141 8.78 -13.43 13.36
N GLU A 142 8.67 -14.71 12.99
CA GLU A 142 9.21 -15.19 11.74
C GLU A 142 8.46 -14.60 10.54
N GLU A 143 7.15 -14.42 10.70
CA GLU A 143 6.34 -13.84 9.63
C GLU A 143 6.65 -12.34 9.53
N PHE A 144 6.78 -11.69 10.69
CA PHE A 144 7.15 -10.27 10.76
C PHE A 144 8.47 -9.99 10.03
N VAL A 145 9.54 -10.73 10.30
CA VAL A 145 10.81 -10.39 9.66
C VAL A 145 10.75 -10.60 8.13
N CYS A 146 9.94 -11.58 7.71
CA CYS A 146 9.66 -11.78 6.29
C CYS A 146 8.96 -10.59 5.65
N LEU A 147 7.89 -10.12 6.30
CA LEU A 147 7.11 -8.97 5.82
C LEU A 147 7.95 -7.70 5.69
N LYS A 148 8.73 -7.43 6.72
CA LYS A 148 9.59 -6.25 6.77
C LYS A 148 10.63 -6.26 5.63
N SER A 149 11.19 -7.43 5.32
CA SER A 149 12.08 -7.56 4.17
C SER A 149 11.35 -7.41 2.85
N ILE A 150 10.12 -7.91 2.79
CA ILE A 150 9.34 -7.79 1.57
C ILE A 150 9.13 -6.31 1.32
N ILE A 151 8.79 -5.56 2.37
CA ILE A 151 8.61 -4.12 2.24
C ILE A 151 9.86 -3.47 1.67
N LEU A 152 11.03 -3.84 2.20
CA LEU A 152 12.28 -3.25 1.72
C LEU A 152 12.50 -3.48 0.24
N LEU A 153 12.33 -4.73 -0.19
CA LEU A 153 12.62 -5.09 -1.57
C LEU A 153 11.48 -4.70 -2.54
N ASN A 154 10.24 -4.67 -2.05
CA ASN A 154 9.08 -4.38 -2.90
C ASN A 154 8.73 -2.91 -3.18
N SER A 155 8.81 -2.06 -2.17
CA SER A 155 8.09 -0.79 -2.21
C SER A 155 8.63 0.17 -3.27
N GLY A 156 9.92 0.08 -3.57
CA GLY A 156 10.46 0.84 -4.67
C GLY A 156 10.81 0.01 -5.89
N VAL A 157 10.38 -1.24 -5.97
CA VAL A 157 10.89 -2.10 -7.06
C VAL A 157 10.26 -1.72 -8.42
N TYR A 158 9.06 -1.15 -8.43
CA TYR A 158 8.43 -0.72 -9.69
C TYR A 158 8.70 0.73 -9.94
N THR A 159 9.81 1.16 -9.41
CA THR A 159 10.46 2.32 -9.94
C THR A 159 11.61 1.62 -10.58
N PHE A 160 11.28 0.94 -11.66
CA PHE A 160 12.09 -0.12 -12.20
C PHE A 160 13.36 0.34 -12.88
N ASP A 172 14.74 -7.88 -11.82
CA ASP A 172 14.30 -9.27 -11.91
C ASP A 172 15.03 -10.15 -10.91
N HIS A 173 16.24 -9.75 -10.55
CA HIS A 173 16.93 -10.36 -9.43
C HIS A 173 16.14 -10.15 -8.13
N ILE A 174 15.46 -9.00 -8.03
CA ILE A 174 14.73 -8.68 -6.81
C ILE A 174 13.47 -9.53 -6.74
N HIS A 175 12.94 -9.92 -7.89
CA HIS A 175 11.76 -10.78 -7.89
C HIS A 175 12.07 -12.21 -7.48
N ARG A 176 13.28 -12.67 -7.75
CA ARG A 176 13.64 -14.02 -7.35
C ARG A 176 13.78 -14.09 -5.84
N VAL A 177 14.36 -13.05 -5.25
CA VAL A 177 14.52 -13.01 -3.79
C VAL A 177 13.15 -12.90 -3.14
N LEU A 178 12.30 -12.03 -3.69
CA LEU A 178 10.92 -11.88 -3.21
C LEU A 178 10.19 -13.22 -3.31
N ASP A 179 10.35 -13.93 -4.43
CA ASP A 179 9.76 -15.26 -4.57
C ASP A 179 10.25 -16.21 -3.47
N LYS A 180 11.53 -16.11 -3.11
CA LYS A 180 12.10 -16.97 -2.08
C LYS A 180 11.53 -16.66 -0.69
N ILE A 181 11.22 -15.39 -0.44
CA ILE A 181 10.62 -15.04 0.85
C ILE A 181 9.19 -15.58 0.93
N THR A 182 8.49 -15.62 -0.19
CA THR A 182 7.16 -16.24 -0.25
C THR A 182 7.23 -17.72 0.09
N ASP A 183 8.11 -18.44 -0.60
CA ASP A 183 8.39 -19.84 -0.31
C ASP A 183 8.58 -20.01 1.19
N THR A 184 9.30 -19.06 1.78
CA THR A 184 9.67 -19.15 3.18
C THR A 184 8.46 -18.96 4.10
N LEU A 185 7.65 -17.94 3.82
CA LEU A 185 6.41 -17.71 4.55
C LEU A 185 5.47 -18.91 4.50
N ILE A 186 5.28 -19.48 3.31
CA ILE A 186 4.44 -20.66 3.17
C ILE A 186 4.95 -21.81 4.04
N HIS A 187 6.25 -22.08 3.91
CA HIS A 187 6.96 -23.11 4.66
C HIS A 187 6.72 -22.98 6.18
N LEU A 188 6.75 -21.76 6.70
CA LEU A 188 6.43 -21.51 8.13
C LEU A 188 4.99 -21.84 8.48
N MET A 189 4.07 -21.51 7.58
CA MET A 189 2.67 -21.78 7.82
C MET A 189 2.45 -23.27 7.76
N ALA A 190 3.10 -23.93 6.82
CA ALA A 190 3.10 -25.38 6.77
C ALA A 190 3.77 -25.89 8.04
N LYS A 191 4.86 -25.27 8.46
CA LYS A 191 5.53 -25.76 9.65
C LYS A 191 4.69 -25.52 10.92
N ALA A 192 3.82 -24.51 10.93
CA ALA A 192 2.91 -24.32 12.06
C ALA A 192 1.62 -25.15 11.94
N GLY A 193 1.55 -26.03 10.94
CA GLY A 193 0.44 -26.97 10.82
C GLY A 193 -0.85 -26.49 10.19
N LEU A 194 -0.81 -25.33 9.54
CA LEU A 194 -2.00 -24.82 8.88
C LEU A 194 -2.30 -25.67 7.63
N THR A 195 -3.57 -25.83 7.29
CA THR A 195 -3.95 -26.55 6.08
C THR A 195 -3.49 -25.83 4.82
N LEU A 196 -3.55 -26.52 3.69
CA LEU A 196 -3.15 -25.95 2.40
C LEU A 196 -3.96 -24.67 2.08
N GLN A 197 -5.28 -24.72 2.30
CA GLN A 197 -6.14 -23.55 2.10
C GLN A 197 -5.78 -22.41 3.06
N GLN A 198 -5.47 -22.76 4.30
CA GLN A 198 -5.12 -21.74 5.28
C GLN A 198 -3.79 -21.08 4.93
N GLN A 199 -2.89 -21.84 4.31
CA GLN A 199 -1.61 -21.29 3.88
C GLN A 199 -1.81 -20.12 2.87
N HIS A 200 -2.59 -20.31 1.80
CA HIS A 200 -2.76 -19.22 0.84
C HIS A 200 -3.64 -18.09 1.41
N GLN A 201 -4.64 -18.44 2.21
CA GLN A 201 -5.47 -17.42 2.86
C GLN A 201 -4.64 -16.54 3.77
N ARG A 202 -3.84 -17.14 4.64
CA ARG A 202 -3.01 -16.33 5.51
C ARG A 202 -1.93 -15.58 4.72
N LEU A 203 -1.34 -16.22 3.70
CA LEU A 203 -0.34 -15.53 2.88
C LEU A 203 -0.91 -14.21 2.37
N ALA A 204 -2.14 -14.27 1.86
CA ALA A 204 -2.84 -13.09 1.37
C ALA A 204 -3.16 -12.06 2.47
N GLN A 205 -3.68 -12.50 3.62
CA GLN A 205 -4.01 -11.57 4.70
C GLN A 205 -2.76 -10.79 5.11
N LEU A 206 -1.62 -11.49 5.19
CA LEU A 206 -0.38 -10.87 5.58
C LEU A 206 0.05 -9.82 4.54
N LEU A 207 0.01 -10.18 3.26
CA LEU A 207 0.47 -9.25 2.23
C LEU A 207 -0.47 -8.06 2.07
N LEU A 208 -1.77 -8.27 2.27
CA LEU A 208 -2.74 -7.19 2.20
C LEU A 208 -2.53 -6.11 3.27
N ILE A 209 -1.88 -6.50 4.36
CA ILE A 209 -1.53 -5.56 5.41
C ILE A 209 -0.48 -4.58 4.92
N LEU A 210 0.39 -5.02 4.01
CA LEU A 210 1.39 -4.13 3.42
C LEU A 210 0.75 -2.93 2.69
N SER A 211 -0.46 -3.10 2.17
CA SER A 211 -1.22 -2.01 1.55
CA SER A 211 -1.12 -1.97 1.55
C SER A 211 -1.55 -0.94 2.58
N HIS A 212 -1.98 -1.40 3.76
CA HIS A 212 -2.30 -0.50 4.85
C HIS A 212 -1.07 0.22 5.38
N ILE A 213 0.06 -0.48 5.39
CA ILE A 213 1.32 0.10 5.82
C ILE A 213 1.85 1.13 4.83
N ARG A 214 1.68 0.88 3.53
CA ARG A 214 2.05 1.87 2.52
C ARG A 214 1.27 3.15 2.75
N HIS A 215 -0.04 2.99 2.92
CA HIS A 215 -0.96 4.08 3.21
C HIS A 215 -0.55 4.92 4.41
N MET A 216 -0.34 4.27 5.55
CA MET A 216 0.09 4.95 6.76
C MET A 216 1.42 5.68 6.51
N SER A 217 2.30 5.02 5.78
CA SER A 217 3.56 5.62 5.38
C SER A 217 3.35 6.91 4.58
N ASN A 218 2.45 6.88 3.59
CA ASN A 218 2.21 8.04 2.75
C ASN A 218 1.64 9.22 3.56
N LYS A 219 0.72 8.92 4.47
CA LYS A 219 0.19 9.94 5.35
C LYS A 219 1.24 10.41 6.35
N GLY A 220 2.04 9.49 6.88
CA GLY A 220 3.10 9.86 7.79
C GLY A 220 4.09 10.80 7.12
N MET A 221 4.43 10.51 5.87
CA MET A 221 5.40 11.29 5.11
C MET A 221 4.90 12.73 4.91
N GLU A 222 3.63 12.79 4.56
CA GLU A 222 2.91 14.03 4.32
C GLU A 222 2.88 14.89 5.59
N HIS A 223 2.74 14.20 6.72
CA HIS A 223 2.67 14.86 8.02
C HIS A 223 4.01 15.41 8.48
N LEU A 224 5.06 14.61 8.30
CA LEU A 224 6.42 15.01 8.64
C LEU A 224 6.89 16.19 7.79
N TYR A 225 6.54 16.16 6.51
CA TYR A 225 6.88 17.23 5.58
C TYR A 225 6.23 18.50 6.08
N SER A 226 5.00 18.35 6.56
CA SER A 226 4.24 19.45 7.10
C SER A 226 4.88 20.01 8.38
N MET A 227 5.44 19.14 9.23
CA MET A 227 6.08 19.59 10.45
C MET A 227 7.36 20.35 10.14
N LYS A 228 8.13 19.80 9.21
CA LYS A 228 9.35 20.43 8.76
C LYS A 228 9.05 21.80 8.18
N CYS A 229 7.99 21.86 7.37
CA CYS A 229 7.63 23.07 6.65
C CYS A 229 7.11 24.17 7.56
N LYS A 230 6.60 23.78 8.72
CA LYS A 230 6.17 24.74 9.73
C LYS A 230 7.28 25.04 10.73
N ASN A 231 8.46 24.47 10.49
CA ASN A 231 9.59 24.62 11.41
C ASN A 231 9.22 24.19 12.83
N VAL A 232 8.49 23.09 12.97
CA VAL A 232 8.11 22.61 14.31
C VAL A 232 9.26 21.85 15.00
N VAL A 233 10.09 21.17 14.21
CA VAL A 233 11.23 20.40 14.73
C VAL A 233 12.38 20.47 13.77
N PRO A 234 13.60 20.45 14.29
CA PRO A 234 14.75 20.33 13.40
C PRO A 234 15.00 18.86 13.09
N LEU A 235 15.29 18.59 11.83
CA LEU A 235 15.49 17.23 11.37
C LEU A 235 16.94 17.03 11.01
N SER A 236 17.46 15.86 11.37
CA SER A 236 18.82 15.51 11.01
C SER A 236 18.94 15.50 9.49
N ASP A 237 20.17 15.55 8.99
CA ASP A 237 20.36 15.59 7.54
C ASP A 237 19.87 14.32 6.85
N LEU A 238 20.07 13.17 7.48
CA LEU A 238 19.61 11.91 6.91
C LEU A 238 18.09 11.91 6.73
N LEU A 239 17.40 12.23 7.81
CA LEU A 239 15.94 12.28 7.84
C LEU A 239 15.44 13.25 6.76
N LEU A 240 16.11 14.39 6.68
CA LEU A 240 15.79 15.41 5.69
C LEU A 240 15.91 14.85 4.29
N GLU A 241 17.03 14.19 4.00
CA GLU A 241 17.19 13.66 2.67
C GLU A 241 16.25 12.47 2.44
N MET A 242 16.00 11.66 3.46
CA MET A 242 15.00 10.60 3.35
C MET A 242 13.63 11.20 3.01
N LEU A 243 13.32 12.36 3.59
CA LEU A 243 12.06 13.03 3.33
C LEU A 243 12.04 13.67 1.92
N ASP A 244 13.15 14.29 1.51
CA ASP A 244 13.19 14.89 0.19
C ASP A 244 12.99 13.85 -0.89
N ALA A 245 13.47 12.65 -0.64
CA ALA A 245 13.33 11.54 -1.56
C ALA A 245 11.88 11.35 -2.00
N HIS A 246 10.94 11.75 -1.16
CA HIS A 246 9.52 11.58 -1.47
C HIS A 246 8.82 12.79 -2.07
N LEU A 248 7.17 15.80 -2.17
CA LEU A 248 5.99 16.31 -1.49
C LEU A 248 5.83 17.82 -1.67
N ALA B 6 -23.61 -16.64 -1.30
CA ALA B 6 -22.85 -15.40 -1.17
C ALA B 6 -21.39 -15.69 -0.83
N LEU B 7 -21.21 -16.36 0.29
CA LEU B 7 -20.00 -17.07 0.71
C LEU B 7 -20.06 -18.53 0.26
N SER B 8 -21.17 -18.93 -0.34
CA SER B 8 -21.33 -20.29 -0.82
C SER B 8 -21.39 -20.32 -2.36
N LEU B 9 -20.71 -19.38 -3.00
CA LEU B 9 -20.41 -19.46 -4.44
C LEU B 9 -19.22 -20.38 -4.71
N THR B 10 -19.28 -21.18 -5.77
CA THR B 10 -18.08 -21.89 -6.20
C THR B 10 -17.08 -20.89 -6.78
N ALA B 11 -15.81 -21.30 -6.80
CA ALA B 11 -14.74 -20.54 -7.42
C ALA B 11 -15.16 -19.99 -8.79
N ASP B 12 -15.75 -20.84 -9.64
CA ASP B 12 -16.20 -20.36 -10.95
C ASP B 12 -17.36 -19.37 -10.87
N GLN B 13 -18.25 -19.57 -9.91
CA GLN B 13 -19.32 -18.61 -9.66
C GLN B 13 -18.79 -17.27 -9.18
N MET B 14 -17.68 -17.28 -8.45
CA MET B 14 -17.06 -16.02 -8.05
C MET B 14 -16.49 -15.33 -9.30
N VAL B 15 -15.80 -16.09 -10.16
CA VAL B 15 -15.24 -15.53 -11.39
C VAL B 15 -16.34 -15.04 -12.32
N SER B 16 -17.34 -15.90 -12.55
CA SER B 16 -18.48 -15.53 -13.39
C SER B 16 -19.13 -14.24 -12.92
N ALA B 17 -19.47 -14.19 -11.63
CA ALA B 17 -20.13 -13.03 -11.03
C ALA B 17 -19.33 -11.74 -11.14
N LEU B 18 -18.00 -11.84 -10.98
CA LEU B 18 -17.15 -10.66 -11.06
C LEU B 18 -16.97 -10.17 -12.50
N LEU B 19 -16.85 -11.12 -13.42
CA LEU B 19 -16.77 -10.77 -14.84
C LEU B 19 -18.09 -10.15 -15.29
N ASP B 20 -19.19 -10.66 -14.75
CA ASP B 20 -20.53 -10.17 -15.08
C ASP B 20 -20.75 -8.73 -14.58
N ALA B 21 -20.17 -8.40 -13.43
CA ALA B 21 -20.37 -7.10 -12.80
C ALA B 21 -19.49 -5.98 -13.37
N GLU B 22 -18.58 -6.31 -14.30
CA GLU B 22 -17.64 -5.31 -14.81
C GLU B 22 -18.33 -4.07 -15.35
N PRO B 23 -17.82 -2.87 -14.98
CA PRO B 23 -18.40 -1.66 -15.58
C PRO B 23 -18.02 -1.56 -17.05
N PRO B 24 -18.78 -0.78 -17.81
CA PRO B 24 -18.42 -0.52 -19.22
C PRO B 24 -17.17 0.33 -19.33
N ILE B 25 -16.47 0.21 -20.45
CA ILE B 25 -15.40 1.14 -20.78
C ILE B 25 -16.01 2.42 -21.35
N LEU B 26 -15.79 3.56 -20.71
CA LEU B 26 -16.39 4.79 -21.19
C LEU B 26 -15.44 5.56 -22.13
N TYR B 27 -16.01 6.49 -22.88
CA TYR B 27 -15.28 7.32 -23.84
C TYR B 27 -15.05 8.74 -23.35
N SER B 28 -14.04 9.40 -23.92
CA SER B 28 -13.82 10.83 -23.73
C SER B 28 -14.43 11.68 -24.86
N GLU B 29 -14.04 12.95 -24.93
CA GLU B 29 -14.45 13.88 -26.00
C GLU B 29 -13.51 13.78 -27.20
N TYR B 30 -14.00 14.00 -28.41
CA TYR B 30 -13.16 13.89 -29.61
C TYR B 30 -12.40 15.16 -29.93
N SER B 37 -3.28 21.64 -23.35
CA SER B 37 -3.26 22.54 -22.20
C SER B 37 -3.59 21.84 -20.89
N GLU B 38 -3.19 22.48 -19.81
CA GLU B 38 -3.40 21.92 -18.48
C GLU B 38 -4.86 21.90 -18.03
N ALA B 39 -5.64 22.89 -18.45
CA ALA B 39 -7.04 22.95 -18.05
C ALA B 39 -7.91 21.99 -18.87
N SER B 40 -7.61 21.86 -20.16
CA SER B 40 -8.39 20.94 -20.97
C SER B 40 -8.06 19.49 -20.63
N MET B 41 -6.80 19.17 -20.36
CA MET B 41 -6.46 17.80 -20.05
C MET B 41 -7.02 17.40 -18.67
N MET B 42 -6.94 18.28 -17.67
CA MET B 42 -7.53 17.97 -16.36
C MET B 42 -9.05 17.86 -16.48
N GLY B 43 -9.64 18.72 -17.30
CA GLY B 43 -11.06 18.63 -17.60
C GLY B 43 -11.47 17.26 -18.15
N LEU B 44 -10.75 16.79 -19.16
CA LEU B 44 -11.06 15.52 -19.80
C LEU B 44 -10.97 14.39 -18.77
N LEU B 45 -9.86 14.38 -18.02
CA LEU B 45 -9.59 13.32 -17.07
C LEU B 45 -10.59 13.24 -15.93
N THR B 46 -10.90 14.40 -15.36
CA THR B 46 -11.80 14.47 -14.24
C THR B 46 -13.24 14.29 -14.67
N ASN B 47 -13.59 14.75 -15.88
CA ASN B 47 -14.94 14.53 -16.41
C ASN B 47 -15.14 13.02 -16.55
N LEU B 48 -14.12 12.35 -17.08
CA LEU B 48 -14.12 10.90 -17.26
C LEU B 48 -14.28 10.12 -15.97
N ALA B 49 -13.43 10.45 -14.99
CA ALA B 49 -13.44 9.82 -13.68
C ALA B 49 -14.80 9.99 -13.02
N ASP B 50 -15.38 11.18 -13.19
CA ASP B 50 -16.70 11.43 -12.63
C ASP B 50 -17.75 10.50 -13.18
N ARG B 51 -17.74 10.30 -14.50
CA ARG B 51 -18.74 9.45 -15.12
C ARG B 51 -18.46 7.99 -14.73
N GLU B 52 -17.20 7.59 -14.74
CA GLU B 52 -16.78 6.26 -14.26
C GLU B 52 -17.14 5.94 -12.83
N LEU B 53 -17.14 6.97 -11.97
CA LEU B 53 -17.48 6.78 -10.58
C LEU B 53 -18.92 6.32 -10.42
N VAL B 54 -19.79 6.87 -11.25
CA VAL B 54 -21.19 6.50 -11.18
C VAL B 54 -21.31 5.01 -11.57
N HIS B 55 -20.56 4.58 -12.58
CA HIS B 55 -20.60 3.16 -12.96
C HIS B 55 -19.93 2.29 -11.88
N MET B 56 -19.01 2.86 -11.11
CA MET B 56 -18.32 2.11 -10.05
C MET B 56 -19.23 1.79 -8.87
N ILE B 57 -20.08 2.75 -8.49
CA ILE B 57 -21.07 2.54 -7.44
C ILE B 57 -21.93 1.30 -7.71
N ASN B 58 -22.41 1.16 -8.95
CA ASN B 58 -23.28 0.04 -9.30
C ASN B 58 -22.52 -1.28 -9.39
N TRP B 59 -21.27 -1.22 -9.86
CA TRP B 59 -20.39 -2.40 -9.90
C TRP B 59 -20.13 -2.94 -8.50
N ALA B 60 -19.91 -2.04 -7.54
CA ALA B 60 -19.57 -2.47 -6.20
C ALA B 60 -20.70 -3.29 -5.59
N LYS B 61 -21.94 -2.84 -5.80
CA LYS B 61 -23.09 -3.54 -5.25
C LYS B 61 -23.25 -4.93 -5.84
N ARG B 62 -22.61 -5.14 -6.98
CA ARG B 62 -22.63 -6.44 -7.62
C ARG B 62 -21.40 -7.29 -7.24
N VAL B 63 -20.52 -6.74 -6.40
CA VAL B 63 -19.41 -7.51 -5.84
C VAL B 63 -19.94 -8.35 -4.67
N PRO B 64 -19.90 -9.68 -4.81
CA PRO B 64 -20.55 -10.58 -3.83
C PRO B 64 -20.16 -10.25 -2.41
N GLY B 65 -21.16 -10.09 -1.55
CA GLY B 65 -20.90 -9.74 -0.17
C GLY B 65 -21.07 -8.27 0.12
N PHE B 66 -20.87 -7.42 -0.89
CA PHE B 66 -20.88 -5.98 -0.65
C PHE B 66 -22.20 -5.43 -0.11
N VAL B 67 -23.34 -5.81 -0.71
CA VAL B 67 -24.60 -5.25 -0.24
C VAL B 67 -25.05 -5.81 1.12
N ASP B 68 -24.34 -6.83 1.63
CA ASP B 68 -24.62 -7.35 2.97
C ASP B 68 -24.12 -6.46 4.11
N LEU B 69 -23.20 -5.55 3.80
CA LEU B 69 -22.67 -4.61 4.78
C LEU B 69 -23.67 -3.50 5.04
N THR B 70 -23.55 -2.78 6.15
CA THR B 70 -24.36 -1.56 6.32
C THR B 70 -24.01 -0.60 5.19
N LEU B 71 -24.84 0.42 4.99
CA LEU B 71 -24.47 1.47 4.04
C LEU B 71 -23.31 2.35 4.59
N HIS B 72 -23.16 2.45 5.92
CA HIS B 72 -22.07 3.25 6.47
C HIS B 72 -20.73 2.69 6.01
N ASP B 73 -20.63 1.37 6.05
CA ASP B 73 -19.41 0.69 5.62
C ASP B 73 -19.26 0.68 4.11
N GLN B 74 -20.38 0.55 3.39
CA GLN B 74 -20.35 0.62 1.93
C GLN B 74 -19.77 1.93 1.43
N VAL B 75 -20.27 3.04 1.96
CA VAL B 75 -19.74 4.38 1.70
C VAL B 75 -18.25 4.44 1.99
N HIS B 76 -17.89 3.93 3.16
CA HIS B 76 -16.53 4.00 3.66
C HIS B 76 -15.52 3.33 2.75
N LEU B 77 -15.81 2.11 2.33
CA LEU B 77 -14.92 1.34 1.49
C LEU B 77 -14.79 1.99 0.10
N LEU B 78 -15.89 2.53 -0.43
CA LEU B 78 -15.85 3.16 -1.74
C LEU B 78 -15.06 4.47 -1.72
N GLU B 79 -15.25 5.28 -0.67
CA GLU B 79 -14.49 6.51 -0.48
C GLU B 79 -12.98 6.25 -0.32
N CYS B 80 -12.64 5.20 0.40
N CYS B 80 -12.63 5.20 0.42
CA CYS B 80 -11.26 4.84 0.65
CA CYS B 80 -11.22 4.88 0.60
C CYS B 80 -10.59 4.31 -0.62
C CYS B 80 -10.60 4.41 -0.71
N ALA B 81 -11.35 3.59 -1.44
CA ALA B 81 -10.77 2.83 -2.55
C ALA B 81 -10.95 3.38 -3.96
N TRP B 82 -11.80 4.38 -4.15
CA TRP B 82 -12.27 4.72 -5.50
C TRP B 82 -11.17 5.07 -6.51
N LEU B 83 -10.09 5.71 -6.06
CA LEU B 83 -9.05 6.11 -6.99
C LEU B 83 -8.12 4.93 -7.27
N GLU B 84 -7.96 4.07 -6.27
CA GLU B 84 -7.26 2.81 -6.47
C GLU B 84 -7.97 2.03 -7.54
N ILE B 85 -9.29 2.00 -7.44
CA ILE B 85 -10.10 1.28 -8.41
C ILE B 85 -10.01 1.88 -9.82
N LEU B 86 -10.08 3.21 -9.96
CA LEU B 86 -9.92 3.81 -11.29
C LEU B 86 -8.54 3.48 -11.88
N MET B 87 -7.52 3.59 -11.04
CA MET B 87 -6.14 3.38 -11.46
C MET B 87 -5.84 1.95 -11.88
N ILE B 88 -6.36 0.94 -11.17
CA ILE B 88 -6.06 -0.42 -11.57
C ILE B 88 -6.82 -0.75 -12.84
N GLY B 89 -8.00 -0.15 -13.00
CA GLY B 89 -8.74 -0.23 -14.25
C GLY B 89 -7.93 0.40 -15.36
N LEU B 90 -7.40 1.60 -15.09
CA LEU B 90 -6.58 2.30 -16.08
C LEU B 90 -5.37 1.48 -16.50
N VAL B 91 -4.66 0.95 -15.52
CA VAL B 91 -3.47 0.14 -15.78
C VAL B 91 -3.82 -1.10 -16.62
N TRP B 92 -4.89 -1.79 -16.23
CA TRP B 92 -5.36 -2.97 -16.97
C TRP B 92 -5.66 -2.63 -18.44
N ARG B 93 -6.31 -1.51 -18.70
CA ARG B 93 -6.61 -1.13 -20.08
C ARG B 93 -5.35 -0.84 -20.89
N SER B 94 -4.29 -0.45 -20.19
CA SER B 94 -3.10 0.06 -20.85
C SER B 94 -2.09 -1.04 -21.10
N MET B 95 -2.38 -2.20 -20.54
CA MET B 95 -1.47 -3.33 -20.57
C MET B 95 -0.97 -3.61 -21.98
N GLU B 96 -1.85 -3.55 -22.97
CA GLU B 96 -1.46 -3.82 -24.35
C GLU B 96 -0.77 -2.67 -25.04
N HIS B 97 -0.56 -1.56 -24.35
CA HIS B 97 -0.02 -0.41 -25.04
C HIS B 97 1.20 0.11 -24.32
N PRO B 98 2.33 -0.60 -24.44
CA PRO B 98 3.54 -0.20 -23.74
C PRO B 98 3.81 1.28 -23.95
N GLY B 99 4.03 2.01 -22.86
CA GLY B 99 4.37 3.41 -22.96
C GLY B 99 3.20 4.36 -23.09
N LYS B 100 1.97 3.83 -23.02
CA LYS B 100 0.80 4.69 -23.19
C LYS B 100 -0.29 4.31 -22.19
N LEU B 101 -1.10 5.29 -21.80
CA LEU B 101 -2.21 5.05 -20.88
C LEU B 101 -3.54 5.22 -21.60
N LEU B 102 -4.29 4.13 -21.67
CA LEU B 102 -5.60 4.11 -22.29
C LEU B 102 -6.69 4.56 -21.31
N PHE B 103 -6.78 5.87 -21.12
CA PHE B 103 -7.79 6.43 -20.25
C PHE B 103 -9.16 6.08 -20.82
N ALA B 104 -9.30 6.24 -22.14
CA ALA B 104 -10.48 5.82 -22.90
C ALA B 104 -10.01 5.38 -24.29
N PRO B 105 -10.85 4.64 -25.05
CA PRO B 105 -10.39 4.19 -26.37
C PRO B 105 -10.00 5.32 -27.32
N ASN B 106 -10.57 6.50 -27.10
CA ASN B 106 -10.23 7.67 -27.91
C ASN B 106 -9.41 8.67 -27.10
N LEU B 107 -8.82 8.19 -26.01
CA LEU B 107 -7.94 9.01 -25.19
C LEU B 107 -6.79 8.13 -24.72
N LEU B 108 -5.86 7.94 -25.64
CA LEU B 108 -4.68 7.13 -25.42
C LEU B 108 -3.53 8.08 -25.33
N LEU B 109 -3.01 8.22 -24.12
CA LEU B 109 -2.00 9.24 -23.85
C LEU B 109 -0.65 8.59 -23.64
N ASP B 110 0.34 9.05 -24.38
CA ASP B 110 1.68 8.50 -24.20
C ASP B 110 2.36 9.33 -23.12
N ARG B 111 3.52 8.85 -22.67
CA ARG B 111 4.14 9.39 -21.47
C ARG B 111 4.35 10.89 -21.45
N ASN B 112 4.84 11.46 -22.55
CA ASN B 112 5.16 12.89 -22.60
C ASN B 112 3.98 13.84 -22.50
N GLN B 113 2.77 13.32 -22.69
CA GLN B 113 1.58 14.15 -22.57
C GLN B 113 1.26 14.43 -21.09
N GLY B 114 1.75 13.58 -20.21
CA GLY B 114 1.69 13.85 -18.78
C GLY B 114 2.33 15.17 -18.38
N LYS B 115 3.34 15.62 -19.14
CA LYS B 115 4.03 16.88 -18.87
C LYS B 115 3.12 18.11 -19.07
N CYS B 116 1.99 17.90 -19.73
CA CYS B 116 1.06 18.96 -20.04
C CYS B 116 0.40 19.43 -18.75
N VAL B 117 0.35 18.57 -17.75
CA VAL B 117 -0.19 18.91 -16.45
C VAL B 117 0.91 18.91 -15.40
N GLU B 118 0.97 19.96 -14.58
CA GLU B 118 1.97 20.08 -13.52
C GLU B 118 1.86 18.92 -12.52
N GLY B 119 2.97 18.23 -12.29
CA GLY B 119 3.00 17.12 -11.36
C GLY B 119 2.53 15.79 -11.94
N MET B 120 1.87 15.83 -13.09
CA MET B 120 1.21 14.64 -13.62
C MET B 120 2.15 13.57 -14.18
N VAL B 121 3.26 13.98 -14.78
CA VAL B 121 4.12 13.03 -15.51
C VAL B 121 4.74 11.98 -14.57
N GLU B 122 4.92 12.35 -13.31
CA GLU B 122 5.45 11.40 -12.34
C GLU B 122 4.40 10.35 -11.97
N ILE B 123 3.14 10.71 -11.97
CA ILE B 123 2.14 9.71 -11.71
C ILE B 123 1.97 8.81 -12.94
N PHE B 124 1.99 9.40 -14.15
CA PHE B 124 2.04 8.61 -15.39
C PHE B 124 3.09 7.50 -15.36
N ASP B 125 4.31 7.86 -14.96
CA ASP B 125 5.43 6.92 -14.89
C ASP B 125 5.15 5.74 -13.94
N MET B 126 4.55 6.03 -12.80
CA MET B 126 4.17 4.99 -11.84
C MET B 126 3.12 4.06 -12.43
N LEU B 127 2.14 4.63 -13.12
CA LEU B 127 1.09 3.86 -13.79
C LEU B 127 1.66 3.01 -14.93
N LEU B 128 2.52 3.61 -15.74
CA LEU B 128 3.18 2.91 -16.84
C LEU B 128 4.04 1.76 -16.30
N ALA B 129 4.74 1.99 -15.19
CA ALA B 129 5.58 0.94 -14.61
C ALA B 129 4.73 -0.24 -14.14
N THR B 130 3.56 0.06 -13.57
CA THR B 130 2.60 -0.95 -13.14
C THR B 130 2.03 -1.75 -14.32
N SER B 131 1.69 -1.05 -15.39
CA SER B 131 1.22 -1.70 -16.60
C SER B 131 2.28 -2.62 -17.16
N SER B 132 3.49 -2.10 -17.26
CA SER B 132 4.64 -2.90 -17.65
C SER B 132 4.75 -4.14 -16.75
N ARG B 133 4.48 -3.97 -15.46
CA ARG B 133 4.46 -5.10 -14.53
C ARG B 133 3.34 -6.12 -14.82
N PHE B 134 2.14 -5.64 -15.16
CA PHE B 134 1.06 -6.53 -15.58
C PHE B 134 1.48 -7.33 -16.81
N ARG B 135 2.21 -6.66 -17.69
CA ARG B 135 2.65 -7.26 -18.94
C ARG B 135 3.70 -8.34 -18.66
N MET B 136 4.66 -8.07 -17.78
CA MET B 136 5.69 -9.06 -17.46
C MET B 136 5.08 -10.25 -16.70
N MET B 137 3.99 -10.03 -15.96
CA MET B 137 3.28 -11.11 -15.29
C MET B 137 2.30 -11.84 -16.21
N ASN B 138 1.99 -11.22 -17.34
CA ASN B 138 0.91 -11.69 -18.21
C ASN B 138 -0.38 -11.86 -17.40
N LEU B 139 -0.77 -10.81 -16.68
CA LEU B 139 -1.99 -10.84 -15.87
C LEU B 139 -3.21 -11.21 -16.73
N GLN B 140 -4.06 -12.10 -16.22
CA GLN B 140 -5.27 -12.49 -16.95
C GLN B 140 -6.47 -11.72 -16.42
N GLY B 141 -7.48 -11.52 -17.27
CA GLY B 141 -8.64 -10.72 -16.91
C GLY B 141 -9.37 -11.21 -15.69
N GLU B 142 -9.38 -12.52 -15.51
CA GLU B 142 -10.00 -13.18 -14.36
C GLU B 142 -9.27 -12.80 -13.07
N GLU B 143 -7.96 -12.63 -13.16
CA GLU B 143 -7.15 -12.23 -12.00
C GLU B 143 -7.39 -10.76 -11.68
N PHE B 144 -7.46 -9.95 -12.72
CA PHE B 144 -7.75 -8.54 -12.58
C PHE B 144 -9.06 -8.28 -11.82
N VAL B 145 -10.15 -8.93 -12.22
CA VAL B 145 -11.42 -8.65 -11.56
C VAL B 145 -11.33 -9.06 -10.09
N CYS B 146 -10.52 -10.07 -9.78
CA CYS B 146 -10.24 -10.42 -8.40
C CYS B 146 -9.49 -9.32 -7.63
N LEU B 147 -8.38 -8.83 -8.18
CA LEU B 147 -7.58 -7.80 -7.50
C LEU B 147 -8.43 -6.57 -7.18
N LYS B 148 -9.23 -6.16 -8.16
CA LYS B 148 -10.09 -4.99 -8.01
C LYS B 148 -11.12 -5.15 -6.89
N SER B 149 -11.71 -6.34 -6.79
CA SER B 149 -12.67 -6.61 -5.72
C SER B 149 -11.95 -6.62 -4.39
N ILE B 150 -10.71 -7.11 -4.39
CA ILE B 150 -9.88 -7.15 -3.20
C ILE B 150 -9.59 -5.73 -2.73
N ILE B 151 -9.26 -4.85 -3.66
CA ILE B 151 -9.03 -3.44 -3.32
C ILE B 151 -10.26 -2.82 -2.63
N LEU B 152 -11.45 -3.05 -3.18
CA LEU B 152 -12.68 -2.48 -2.63
C LEU B 152 -12.89 -2.89 -1.18
N LEU B 153 -12.78 -4.20 -0.92
CA LEU B 153 -13.02 -4.75 0.41
C LEU B 153 -11.84 -4.60 1.38
N ASN B 154 -10.62 -4.56 0.84
CA ASN B 154 -9.44 -4.43 1.69
C ASN B 154 -9.09 -3.01 2.10
N SER B 155 -9.18 -2.05 1.18
CA SER B 155 -8.42 -0.82 1.37
C SER B 155 -8.84 0.03 2.54
N GLY B 156 -10.14 0.08 2.83
CA GLY B 156 -10.59 0.80 4.01
C GLY B 156 -11.05 -0.11 5.13
N VAL B 157 -10.69 -1.39 5.08
CA VAL B 157 -11.37 -2.40 5.91
C VAL B 157 -11.15 -2.20 7.42
N TYR B 158 -10.00 -1.60 7.76
CA TYR B 158 -9.58 -1.20 9.12
C TYR B 158 -9.56 0.31 9.41
N THR B 159 -10.40 1.14 8.79
CA THR B 159 -10.37 2.55 9.21
C THR B 159 -11.74 3.09 9.62
N ASP B 172 -16.05 -9.71 10.77
CA ASP B 172 -15.34 -10.90 10.36
C ASP B 172 -15.84 -11.32 8.95
N HIS B 173 -17.08 -10.96 8.65
CA HIS B 173 -17.71 -11.34 7.37
C HIS B 173 -16.96 -10.90 6.13
N ILE B 174 -16.33 -9.74 6.16
CA ILE B 174 -15.67 -9.29 4.96
C ILE B 174 -14.29 -9.96 4.85
N HIS B 175 -13.73 -10.42 5.97
CA HIS B 175 -12.53 -11.23 5.90
C HIS B 175 -12.86 -12.61 5.34
N ARG B 176 -14.11 -13.02 5.49
CA ARG B 176 -14.54 -14.28 4.91
C ARG B 176 -14.71 -14.12 3.39
N VAL B 177 -15.24 -12.98 2.95
CA VAL B 177 -15.39 -12.70 1.51
C VAL B 177 -14.02 -12.55 0.86
N LEU B 178 -13.09 -11.88 1.53
CA LEU B 178 -11.70 -11.78 1.07
C LEU B 178 -11.04 -13.15 0.96
N ASP B 179 -11.23 -14.02 1.95
CA ASP B 179 -10.67 -15.36 1.83
C ASP B 179 -11.22 -16.06 0.58
N LYS B 180 -12.52 -15.93 0.30
CA LYS B 180 -13.05 -16.63 -0.86
C LYS B 180 -12.49 -16.05 -2.16
N ILE B 181 -12.17 -14.76 -2.18
CA ILE B 181 -11.59 -14.22 -3.40
C ILE B 181 -10.15 -14.73 -3.58
N THR B 182 -9.42 -14.90 -2.48
CA THR B 182 -8.10 -15.54 -2.51
C THR B 182 -8.24 -16.98 -3.02
N ASP B 183 -9.19 -17.73 -2.46
CA ASP B 183 -9.52 -19.05 -2.95
C ASP B 183 -9.70 -19.03 -4.46
N THR B 184 -10.35 -17.97 -4.94
CA THR B 184 -10.72 -17.86 -6.33
C THR B 184 -9.48 -17.63 -7.21
N LEU B 185 -8.60 -16.74 -6.78
CA LEU B 185 -7.34 -16.49 -7.48
C LEU B 185 -6.49 -17.76 -7.62
N ILE B 186 -6.37 -18.47 -6.51
CA ILE B 186 -5.67 -19.74 -6.46
C ILE B 186 -6.32 -20.73 -7.45
N HIS B 187 -7.65 -20.85 -7.42
CA HIS B 187 -8.37 -21.73 -8.36
C HIS B 187 -8.00 -21.47 -9.82
N LEU B 188 -7.94 -20.19 -10.19
CA LEU B 188 -7.55 -19.79 -11.53
C LEU B 188 -6.13 -20.22 -11.84
N MET B 189 -5.25 -20.11 -10.86
CA MET B 189 -3.85 -20.48 -11.07
C MET B 189 -3.71 -22.00 -11.15
N ALA B 190 -4.45 -22.71 -10.31
CA ALA B 190 -4.46 -24.17 -10.35
C ALA B 190 -4.94 -24.64 -11.71
N LYS B 191 -6.03 -24.01 -12.16
CA LYS B 191 -6.64 -24.28 -13.45
C LYS B 191 -5.73 -23.95 -14.62
N ALA B 192 -4.80 -23.02 -14.43
CA ALA B 192 -3.84 -22.72 -15.49
C ALA B 192 -2.67 -23.70 -15.47
N GLY B 193 -2.73 -24.68 -14.58
CA GLY B 193 -1.72 -25.73 -14.57
C GLY B 193 -0.45 -25.36 -13.82
N LEU B 194 -0.53 -24.30 -13.02
CA LEU B 194 0.58 -23.92 -12.14
C LEU B 194 0.74 -24.88 -10.99
N THR B 195 2.00 -25.12 -10.63
CA THR B 195 2.30 -25.92 -9.47
C THR B 195 1.95 -25.11 -8.22
N LEU B 196 1.96 -25.79 -7.09
CA LEU B 196 1.68 -25.16 -5.81
C LEU B 196 2.63 -24.02 -5.52
N GLN B 197 3.92 -24.29 -5.72
CA GLN B 197 4.96 -23.31 -5.49
C GLN B 197 4.73 -22.11 -6.38
N GLN B 198 4.35 -22.36 -7.63
CA GLN B 198 4.08 -21.27 -8.56
C GLN B 198 2.79 -20.51 -8.22
N GLN B 199 1.78 -21.21 -7.74
CA GLN B 199 0.54 -20.57 -7.30
C GLN B 199 0.83 -19.59 -6.17
N HIS B 200 1.59 -20.04 -5.19
CA HIS B 200 1.84 -19.21 -4.03
C HIS B 200 2.70 -18.02 -4.39
N GLN B 201 3.68 -18.27 -5.25
CA GLN B 201 4.54 -17.21 -5.73
C GLN B 201 3.78 -16.14 -6.53
N ARG B 202 2.93 -16.58 -7.46
CA ARG B 202 2.13 -15.62 -8.23
C ARG B 202 1.12 -14.89 -7.35
N LEU B 203 0.47 -15.58 -6.40
CA LEU B 203 -0.45 -14.90 -5.48
C LEU B 203 0.25 -13.74 -4.77
N ALA B 204 1.46 -13.99 -4.27
CA ALA B 204 2.23 -12.93 -3.60
C ALA B 204 2.61 -11.81 -4.56
N GLN B 205 3.14 -12.14 -5.74
CA GLN B 205 3.47 -11.12 -6.73
C GLN B 205 2.26 -10.25 -7.06
N LEU B 206 1.11 -10.89 -7.23
CA LEU B 206 -0.09 -10.15 -7.59
C LEU B 206 -0.49 -9.19 -6.48
N LEU B 207 -0.47 -9.66 -5.23
CA LEU B 207 -0.89 -8.83 -4.11
C LEU B 207 0.09 -7.71 -3.71
N LEU B 208 1.40 -7.92 -3.93
CA LEU B 208 2.40 -6.88 -3.66
C LEU B 208 2.20 -5.67 -4.57
N ILE B 209 1.55 -5.91 -5.71
CA ILE B 209 1.21 -4.84 -6.63
C ILE B 209 0.14 -3.90 -6.06
N LEU B 210 -0.77 -4.44 -5.24
CA LEU B 210 -1.75 -3.60 -4.58
C LEU B 210 -1.08 -2.55 -3.69
N SER B 211 0.06 -2.90 -3.11
CA SER B 211 0.84 -1.93 -2.36
C SER B 211 1.23 -0.73 -3.24
N HIS B 212 1.70 -0.98 -4.47
N HIS B 212 1.66 -1.01 -4.47
CA HIS B 212 2.07 0.11 -5.40
CA HIS B 212 2.04 0.04 -5.40
C HIS B 212 0.86 0.90 -5.88
C HIS B 212 0.85 0.89 -5.80
N ILE B 213 -0.28 0.24 -6.04
CA ILE B 213 -1.51 0.94 -6.43
C ILE B 213 -2.00 1.85 -5.29
N ARG B 214 -1.85 1.41 -4.03
CA ARG B 214 -2.15 2.27 -2.88
C ARG B 214 -1.29 3.54 -2.91
N HIS B 215 0.01 3.34 -3.13
CA HIS B 215 0.97 4.43 -3.27
C HIS B 215 0.53 5.44 -4.32
N MET B 216 0.21 4.93 -5.51
CA MET B 216 -0.24 5.78 -6.60
C MET B 216 -1.51 6.53 -6.27
N SER B 217 -2.47 5.85 -5.66
CA SER B 217 -3.69 6.50 -5.20
C SER B 217 -3.42 7.66 -4.24
N ASN B 218 -2.55 7.43 -3.25
CA ASN B 218 -2.23 8.48 -2.29
C ASN B 218 -1.57 9.70 -2.95
N LYS B 219 -0.68 9.47 -3.91
CA LYS B 219 -0.05 10.55 -4.66
C LYS B 219 -1.03 11.26 -5.60
N GLY B 220 -1.89 10.46 -6.25
CA GLY B 220 -2.91 11.01 -7.13
C GLY B 220 -3.88 11.91 -6.39
N MET B 221 -4.26 11.46 -5.20
CA MET B 221 -5.16 12.20 -4.33
C MET B 221 -4.52 13.51 -3.95
N GLU B 222 -3.23 13.47 -3.67
CA GLU B 222 -2.58 14.71 -3.32
C GLU B 222 -2.54 15.63 -4.56
N HIS B 223 -2.39 15.06 -5.74
CA HIS B 223 -2.38 15.88 -6.92
C HIS B 223 -3.77 16.45 -7.23
N LEU B 224 -4.80 15.62 -7.15
CA LEU B 224 -6.15 16.09 -7.40
C LEU B 224 -6.55 17.19 -6.42
N TYR B 225 -6.10 17.10 -5.17
CA TYR B 225 -6.42 18.14 -4.19
C TYR B 225 -5.73 19.47 -4.51
N SER B 226 -4.49 19.41 -4.96
CA SER B 226 -3.77 20.64 -5.30
C SER B 226 -4.48 21.32 -6.47
N MET B 227 -5.04 20.52 -7.38
CA MET B 227 -5.77 21.09 -8.50
C MET B 227 -7.11 21.67 -8.03
N LYS B 228 -7.79 20.99 -7.12
CA LYS B 228 -9.04 21.55 -6.60
C LYS B 228 -8.82 22.92 -5.94
N CYS B 229 -7.72 23.10 -5.20
CA CYS B 229 -7.47 24.38 -4.54
C CYS B 229 -7.07 25.51 -5.51
N LYS B 230 -6.37 25.14 -6.60
CA LYS B 230 -5.83 26.09 -7.58
C LYS B 230 -6.85 26.59 -8.59
N ASN B 231 -8.05 26.03 -8.49
CA ASN B 231 -9.15 26.27 -9.44
C ASN B 231 -8.84 26.16 -10.92
N VAL B 232 -8.08 25.13 -11.30
CA VAL B 232 -7.76 24.88 -12.70
C VAL B 232 -8.97 24.32 -13.42
N VAL B 233 -9.79 23.60 -12.68
CA VAL B 233 -10.87 22.86 -13.31
C VAL B 233 -12.12 22.75 -12.44
N PRO B 234 -13.30 22.75 -13.08
CA PRO B 234 -14.53 22.46 -12.34
C PRO B 234 -14.67 20.97 -12.08
N LEU B 235 -14.96 20.62 -10.83
CA LEU B 235 -15.08 19.23 -10.40
C LEU B 235 -16.51 18.96 -9.93
N SER B 236 -17.09 17.81 -10.31
CA SER B 236 -18.47 17.50 -9.94
C SER B 236 -18.63 17.30 -8.44
N ASP B 237 -19.88 17.28 -7.98
CA ASP B 237 -20.18 17.07 -6.57
C ASP B 237 -19.74 15.71 -6.06
N LEU B 238 -19.97 14.67 -6.86
CA LEU B 238 -19.58 13.32 -6.47
C LEU B 238 -18.08 13.23 -6.32
N LEU B 239 -17.38 13.67 -7.35
CA LEU B 239 -15.94 13.71 -7.36
C LEU B 239 -15.37 14.53 -6.21
N LEU B 240 -16.02 15.66 -5.93
CA LEU B 240 -15.67 16.51 -4.81
C LEU B 240 -15.81 15.81 -3.48
N GLU B 241 -16.89 15.08 -3.30
CA GLU B 241 -17.07 14.43 -2.02
C GLU B 241 -16.12 13.24 -1.92
N MET B 242 -15.91 12.48 -3.00
CA MET B 242 -14.92 11.41 -2.94
C MET B 242 -13.52 11.94 -2.58
N LEU B 243 -13.14 13.09 -3.13
CA LEU B 243 -11.84 13.67 -2.78
C LEU B 243 -11.80 14.14 -1.32
N ASP B 244 -12.88 14.75 -0.83
CA ASP B 244 -12.88 15.22 0.56
C ASP B 244 -12.84 14.13 1.65
N ALA B 245 -13.30 12.92 1.34
CA ALA B 245 -13.19 11.81 2.30
C ALA B 245 -11.75 11.52 2.72
N HIS B 246 -10.81 11.94 1.89
CA HIS B 246 -9.40 11.73 2.18
C HIS B 246 -8.87 12.99 2.85
C ACE C 1 26.88 13.89 -4.41
O ACE C 1 25.71 14.29 -4.50
CH3 ACE C 1 28.06 14.78 -4.74
N HIS C 2 27.23 12.70 -3.99
CA HIS C 2 26.28 11.66 -3.62
C HIS C 2 25.63 11.98 -2.30
N LYS C 3 24.46 11.44 -2.24
CA LYS C 3 23.70 11.64 -1.04
C LYS C 3 24.22 10.86 0.09
N 66D C 4 23.98 11.50 1.23
CA 66D C 4 24.38 10.96 2.48
CB 66D C 4 23.40 11.81 3.38
CC 66D C 4 23.59 11.18 4.73
CD2 66D C 4 22.92 12.45 5.49
CD 66D C 4 24.68 11.00 5.59
CE 66D C 4 24.15 10.30 6.72
CB2 66D C 4 25.85 11.44 2.60
C 66D C 4 24.28 9.61 2.72
O 66D C 4 25.25 8.97 3.13
N LEU C 5 23.19 9.02 2.19
CA LEU C 5 22.96 7.60 2.36
C LEU C 5 23.77 6.85 1.53
N HIS C 6 24.14 7.30 0.26
CA HIS C 6 25.02 6.51 -0.63
C HIS C 6 26.27 6.26 -0.02
N ARG C 7 26.81 7.20 0.86
CA ARG C 7 28.10 7.05 1.55
C ARG C 7 27.95 6.26 2.71
C MK8 C 8 26.46 4.06 4.38
N MK8 C 8 26.82 6.21 3.60
O MK8 C 8 26.77 3.14 5.16
CA MK8 C 8 26.63 5.36 4.87
CB MK8 C 8 25.31 5.88 5.34
CD MK8 C 8 24.03 7.63 6.31
CE MK8 C 8 23.95 8.92 6.85
CG MK8 C 8 25.42 7.30 5.88
CB1 MK8 C 8 27.78 5.58 5.82
N LEU C 9 25.84 3.79 3.27
CA LEU C 9 25.70 2.37 2.82
C LEU C 9 27.02 1.69 2.58
N GLN C 10 28.10 2.45 2.51
CA GLN C 10 29.42 1.84 2.28
C GLN C 10 30.22 1.43 3.51
N ASP C 11 29.81 1.85 4.69
CA ASP C 11 30.52 1.51 5.93
C ASP C 11 30.59 0.01 6.15
N SER C 12 31.65 -0.59 5.63
CA SER C 12 31.81 -2.04 5.79
C SER C 12 30.51 -2.73 5.29
N NH2 C 13 30.12 -2.43 4.05
C ACE D 1 -25.41 14.57 5.10
O ACE D 1 -25.79 15.43 4.29
CH3 ACE D 1 -24.50 14.93 6.27
N HIS D 2 -25.78 13.28 5.08
CA HIS D 2 -26.65 12.67 4.07
C HIS D 2 -26.03 12.93 2.73
N LYS D 3 -24.89 12.31 2.69
CA LYS D 3 -24.07 12.37 1.54
C LYS D 3 -24.47 11.66 0.32
N 66D D 4 -24.04 12.33 -0.75
CA 66D D 4 -24.26 11.90 -2.08
CB 66D D 4 -23.29 12.81 -2.88
CC 66D D 4 -23.38 12.37 -4.33
CD2 66D D 4 -22.86 13.74 -4.96
CD 66D D 4 -24.58 12.36 -5.02
CE 66D D 4 -24.26 11.86 -6.25
CB2 66D D 4 -25.68 12.45 -2.40
C 66D D 4 -24.20 10.56 -2.35
O 66D D 4 -25.14 9.93 -2.80
N LEU D 5 -23.05 9.97 -1.94
CA LEU D 5 -22.81 8.56 -2.15
C LEU D 5 -23.65 7.73 -1.48
N HIS D 6 -24.22 8.24 -0.37
CA HIS D 6 -25.13 7.42 0.39
C HIS D 6 -26.36 7.19 -0.20
N ARG D 7 -27.10 8.22 -0.81
CA ARG D 7 -28.39 7.82 -1.41
C ARG D 7 -28.14 7.16 -2.62
C MK8 D 8 -26.58 5.44 -4.43
N MK8 D 8 -27.01 7.48 -3.41
O MK8 D 8 -26.73 4.67 -5.38
CA MK8 D 8 -26.70 6.81 -4.72
CB MK8 D 8 -25.41 7.32 -5.28
CD MK8 D 8 -24.21 9.19 -6.18
CE MK8 D 8 -24.15 10.52 -6.57
CG MK8 D 8 -25.54 8.80 -5.62
CB1 MK8 D 8 -27.79 7.12 -5.73
N LEU D 9 -26.25 5.01 -3.24
CA LEU D 9 -26.11 3.56 -2.93
C LEU D 9 -27.45 2.82 -2.87
N GLN D 10 -28.59 3.53 -3.12
CA GLN D 10 -29.90 2.82 -3.05
C GLN D 10 -30.66 3.57 -4.21
N ASP D 11 -30.68 3.00 -5.46
CA ASP D 11 -31.40 3.72 -6.56
C ASP D 11 -32.77 3.04 -6.94
N SER D 12 -32.78 2.26 -8.03
CA SER D 12 -33.99 1.55 -8.50
C SER D 12 -33.71 0.08 -8.66
N NH2 D 13 -33.62 -0.65 -7.54
C1 EST E . 9.32 7.49 14.78
C2 EST E . 10.00 6.32 15.09
C3 EST E . 9.52 5.04 14.82
O3 EST E . 10.38 3.98 15.19
C4 EST E . 8.25 4.92 14.20
C5 EST E . 7.52 6.07 13.87
C6 EST E . 6.17 5.93 13.20
C7 EST E . 5.40 7.25 13.24
C8 EST E . 6.27 8.39 12.79
C9 EST E . 7.35 8.64 13.84
C10 EST E . 8.08 7.41 14.16
C11 EST E . 8.29 9.75 13.39
C12 EST E . 7.56 11.06 13.11
C13 EST E . 6.39 10.84 12.16
C14 EST E . 5.52 9.70 12.66
C15 EST E . 4.29 9.76 11.77
C16 EST E . 4.12 11.26 11.50
C17 EST E . 5.33 11.93 12.13
O17 EST E . 5.67 13.07 11.36
C18 EST E . 6.87 10.52 10.75
C1 GOL F . 22.20 9.59 13.00
O1 GOL F . 22.72 9.58 14.31
C2 GOL F . 22.83 10.68 12.13
O2 GOL F . 23.91 10.08 11.44
C3 GOL F . 21.77 11.23 11.15
O3 GOL F . 22.14 12.40 10.46
H11 GOL F . 22.37 8.62 12.54
H12 GOL F . 21.12 9.74 13.05
HO1 GOL F . 22.25 8.91 14.85
H2 GOL F . 23.18 11.49 12.77
HO2 GOL F . 23.57 9.34 10.89
H31 GOL F . 21.54 10.45 10.43
H32 GOL F . 20.86 11.43 11.72
HO3 GOL F . 21.77 12.38 9.55
C1 EST G . -9.19 9.24 -14.72
C2 EST G . -9.86 8.12 -15.20
C3 EST G . -9.41 6.83 -14.93
O3 EST G . -10.09 5.77 -15.42
C4 EST G . -8.26 6.63 -14.16
C5 EST G . -7.56 7.71 -13.66
C6 EST G . -6.32 7.48 -12.82
C7 EST G . -5.47 8.75 -12.80
C8 EST G . -6.34 9.92 -12.34
C9 EST G . -7.33 10.27 -13.43
C10 EST G . -8.05 9.09 -13.95
C11 EST G . -8.30 11.34 -12.91
C12 EST G . -7.55 12.63 -12.53
C13 EST G . -6.42 12.34 -11.55
C14 EST G . -5.55 11.19 -12.07
C15 EST G . -4.36 11.17 -11.13
C16 EST G . -4.12 12.66 -10.86
C17 EST G . -5.34 13.41 -11.40
O17 EST G . -5.70 14.48 -10.53
C18 EST G . -7.02 12.01 -10.18
C1 GOL H . -21.48 13.96 -10.79
O1 GOL H . -22.02 14.57 -9.64
C2 GOL H . -22.45 13.10 -11.62
O2 GOL H . -22.81 11.97 -10.87
C3 GOL H . -23.75 13.75 -12.04
O3 GOL H . -24.54 12.71 -12.57
H11 GOL H . -21.07 14.74 -11.44
H12 GOL H . -20.64 13.33 -10.49
HO1 GOL H . -21.30 15.03 -9.15
H2 GOL H . -21.93 12.78 -12.52
HO2 GOL H . -23.34 12.25 -10.10
H31 GOL H . -24.25 14.19 -11.18
H32 GOL H . -23.58 14.52 -12.78
HO3 GOL H . -25.48 12.97 -12.57
#